data_6XY0
#
_entry.id   6XY0
#
_cell.length_a   29.460
_cell.length_b   48.550
_cell.length_c   36.570
_cell.angle_alpha   90.000
_cell.angle_beta   96.190
_cell.angle_gamma   90.000
#
_symmetry.space_group_name_H-M   'P 1 21 1'
#
loop_
_entity.id
_entity.type
_entity.pdbx_description
1 polymer 3-EK-4
2 water water
#
_entity_poly.entity_id   1
_entity_poly.type   'polypeptide(L)'
_entity_poly.pdbx_seq_one_letter_code
;(ACE)GAIQQELKAIQQELKAIQWELKAIQQELKG(NH2)
;
_entity_poly.pdbx_strand_id   A,B,C,D
#
loop_
_chem_comp.id
_chem_comp.type
_chem_comp.name
_chem_comp.formula
ACE non-polymer 'ACETYL GROUP' 'C2 H4 O'
NH2 non-polymer 'AMINO GROUP' 'H2 N'
#
# COMPACT_ATOMS: atom_id res chain seq x y z
C ACE A 1 18.18 14.72 -1.23
O ACE A 1 17.59 13.67 -0.99
CH3 ACE A 1 18.46 15.17 -2.63
N GLY A 2 18.64 15.51 -0.26
CA GLY A 2 18.45 15.19 1.15
C GLY A 2 16.98 15.13 1.53
N ALA A 3 16.21 16.11 1.07
CA ALA A 3 14.77 16.11 1.35
C ALA A 3 14.09 14.91 0.73
N ILE A 4 14.46 14.57 -0.51
CA ILE A 4 13.92 13.38 -1.16
C ILE A 4 14.20 12.14 -0.32
N GLN A 5 15.43 12.01 0.18
CA GLN A 5 15.76 10.84 0.99
C GLN A 5 14.91 10.78 2.25
N GLN A 6 14.65 11.92 2.88
CA GLN A 6 13.80 11.93 4.06
C GLN A 6 12.39 11.50 3.73
N GLU A 7 11.87 11.88 2.56
CA GLU A 7 10.54 11.42 2.17
C GLU A 7 10.53 9.93 1.91
N LEU A 8 11.60 9.41 1.32
CA LEU A 8 11.68 7.97 1.09
C LEU A 8 11.72 7.21 2.41
N LYS A 9 12.46 7.73 3.40
CA LYS A 9 12.47 7.12 4.73
C LYS A 9 11.07 7.06 5.32
N ALA A 10 10.32 8.16 5.18
CA ALA A 10 8.95 8.20 5.70
C ALA A 10 8.04 7.22 4.97
N ILE A 11 8.20 7.10 3.65
CA ILE A 11 7.40 6.13 2.90
C ILE A 11 7.68 4.72 3.41
N GLN A 12 8.95 4.41 3.69
CA GLN A 12 9.27 3.09 4.23
CA GLN A 12 9.24 3.07 4.21
C GLN A 12 8.58 2.84 5.56
N GLN A 13 8.50 3.88 6.41
CA GLN A 13 7.80 3.74 7.68
C GLN A 13 6.34 3.37 7.46
N GLU A 14 5.70 4.02 6.48
CA GLU A 14 4.30 3.76 6.21
C GLU A 14 4.10 2.38 5.59
N LEU A 15 5.01 1.95 4.71
CA LEU A 15 4.90 0.62 4.13
C LEU A 15 4.98 -0.45 5.20
N LYS A 16 5.90 -0.28 6.16
CA LYS A 16 5.99 -1.24 7.25
C LYS A 16 4.70 -1.26 8.07
N ALA A 17 4.10 -0.09 8.31
CA ALA A 17 2.83 -0.07 9.02
C ALA A 17 1.75 -0.81 8.24
N ILE A 18 1.71 -0.61 6.93
CA ILE A 18 0.74 -1.31 6.09
C ILE A 18 0.94 -2.81 6.17
N GLN A 19 2.20 -3.26 6.12
CA GLN A 19 2.47 -4.69 6.23
CA GLN A 19 2.45 -4.69 6.22
C GLN A 19 1.92 -5.26 7.52
N TRP A 20 2.04 -4.51 8.62
CA TRP A 20 1.56 -5.00 9.90
C TRP A 20 0.05 -4.94 10.02
N GLU A 21 -0.59 -3.96 9.39
CA GLU A 21 -2.05 -3.97 9.33
C GLU A 21 -2.54 -5.20 8.56
N LEU A 22 -1.86 -5.54 7.48
CA LEU A 22 -2.23 -6.73 6.71
C LEU A 22 -2.05 -7.98 7.54
N LYS A 23 -0.96 -8.07 8.30
CA LYS A 23 -0.77 -9.22 9.17
C LYS A 23 -1.92 -9.36 10.15
N ALA A 24 -2.38 -8.24 10.73
CA ALA A 24 -3.50 -8.30 11.66
C ALA A 24 -4.76 -8.81 10.98
N ILE A 25 -5.01 -8.37 9.75
CA ILE A 25 -6.19 -8.83 9.02
C ILE A 25 -6.09 -10.31 8.70
N GLN A 26 -4.91 -10.74 8.23
CA GLN A 26 -4.72 -12.16 7.90
CA GLN A 26 -4.72 -12.16 7.90
C GLN A 26 -4.96 -13.03 9.13
N GLN A 27 -4.51 -12.59 10.30
CA GLN A 27 -4.73 -13.36 11.51
C GLN A 27 -6.20 -13.39 11.90
N GLU A 28 -6.90 -12.26 11.77
CA GLU A 28 -8.35 -12.26 12.02
C GLU A 28 -9.05 -13.30 11.16
N LEU A 29 -8.66 -13.42 9.88
CA LEU A 29 -9.31 -14.36 8.98
C LEU A 29 -9.06 -15.81 9.39
N LYS A 30 -7.95 -16.08 10.07
CA LYS A 30 -7.66 -17.42 10.54
C LYS A 30 -8.36 -17.75 11.86
N GLY A 31 -9.02 -16.78 12.48
CA GLY A 31 -9.68 -17.01 13.75
C GLY A 31 -9.94 -15.74 14.53
C ACE B 1 10.65 10.21 -18.62
O ACE B 1 9.75 11.05 -18.70
CH3 ACE B 1 10.61 8.95 -19.42
N GLY B 2 11.71 10.38 -17.84
CA GLY B 2 12.78 9.41 -17.73
C GLY B 2 12.54 8.30 -16.70
N ALA B 3 13.64 7.71 -16.22
CA ALA B 3 13.54 6.54 -15.35
C ALA B 3 12.82 6.86 -14.04
N ILE B 4 13.09 8.03 -13.45
CA ILE B 4 12.45 8.40 -12.19
C ILE B 4 10.95 8.56 -12.40
N GLN B 5 10.58 9.30 -13.44
CA GLN B 5 9.16 9.50 -13.72
C GLN B 5 8.45 8.20 -14.02
N GLN B 6 9.14 7.26 -14.70
CA GLN B 6 8.52 5.97 -14.98
C GLN B 6 8.22 5.21 -13.69
N GLU B 7 9.11 5.30 -12.70
CA GLU B 7 8.86 4.61 -11.43
CA GLU B 7 8.84 4.60 -11.45
C GLU B 7 7.76 5.29 -10.64
N LEU B 8 7.72 6.61 -10.65
CA LEU B 8 6.63 7.31 -9.97
C LEU B 8 5.28 6.94 -10.57
N LYS B 9 5.21 6.87 -11.91
CA LYS B 9 4.00 6.40 -12.55
C LYS B 9 3.61 5.01 -12.07
N ALA B 10 4.57 4.10 -12.04
CA ALA B 10 4.29 2.73 -11.66
C ALA B 10 3.82 2.65 -10.20
N ILE B 11 4.42 3.45 -9.32
CA ILE B 11 3.96 3.47 -7.94
C ILE B 11 2.52 3.96 -7.86
N GLN B 12 2.22 5.03 -8.59
CA GLN B 12 0.86 5.56 -8.55
C GLN B 12 -0.15 4.56 -9.09
N GLN B 13 0.22 3.82 -10.14
CA GLN B 13 -0.66 2.77 -10.63
C GLN B 13 -0.89 1.69 -9.59
N GLU B 14 0.18 1.27 -8.90
CA GLU B 14 0.04 0.24 -7.87
C GLU B 14 -0.85 0.72 -6.74
N LEU B 15 -0.72 1.99 -6.36
CA LEU B 15 -1.56 2.53 -5.30
C LEU B 15 -3.02 2.51 -5.71
N LYS B 16 -3.32 2.88 -6.96
CA LYS B 16 -4.70 2.82 -7.43
C LYS B 16 -5.23 1.39 -7.42
N ALA B 17 -4.42 0.43 -7.83
CA ALA B 17 -4.84 -0.97 -7.83
C ALA B 17 -5.12 -1.46 -6.41
N ILE B 18 -4.25 -1.09 -5.47
CA ILE B 18 -4.43 -1.48 -4.07
C ILE B 18 -5.72 -0.89 -3.53
N GLN B 19 -5.97 0.39 -3.82
CA GLN B 19 -7.18 1.02 -3.34
C GLN B 19 -8.41 0.36 -3.94
N TRP B 20 -8.33 -0.09 -5.19
CA TRP B 20 -9.43 -0.83 -5.78
C TRP B 20 -9.68 -2.14 -5.03
N GLU B 21 -8.60 -2.87 -4.72
CA GLU B 21 -8.76 -4.14 -4.00
C GLU B 21 -9.35 -3.92 -2.62
N LEU B 22 -8.93 -2.84 -1.94
CA LEU B 22 -9.47 -2.55 -0.62
C LEU B 22 -10.96 -2.26 -0.66
N LYS B 23 -11.39 -1.49 -1.66
CA LYS B 23 -12.81 -1.24 -1.84
C LYS B 23 -13.57 -2.53 -2.09
N ALA B 24 -13.00 -3.43 -2.90
CA ALA B 24 -13.67 -4.69 -3.19
C ALA B 24 -13.78 -5.55 -1.95
N ILE B 25 -12.73 -5.58 -1.12
CA ILE B 25 -12.77 -6.33 0.13
C ILE B 25 -13.83 -5.76 1.06
N GLN B 26 -13.88 -4.44 1.19
CA GLN B 26 -14.88 -3.84 2.06
C GLN B 26 -16.30 -4.16 1.58
N GLN B 27 -16.53 -4.10 0.27
CA GLN B 27 -17.84 -4.45 -0.29
C GLN B 27 -18.20 -5.90 0.04
N GLU B 28 -17.25 -6.81 -0.18
CA GLU B 28 -17.50 -8.22 0.08
C GLU B 28 -17.81 -8.48 1.54
N LEU B 29 -17.08 -7.84 2.45
CA LEU B 29 -17.32 -8.05 3.88
C LEU B 29 -18.66 -7.47 4.31
N LYS B 30 -19.05 -6.31 3.77
CA LYS B 30 -20.29 -5.66 4.17
C LYS B 30 -21.50 -6.36 3.56
N GLY B 31 -21.38 -6.84 2.33
CA GLY B 31 -22.53 -7.39 1.63
C GLY B 31 -22.44 -8.86 1.27
C ACE C 1 12.77 18.82 -5.86
O ACE C 1 13.93 18.85 -6.28
CH3 ACE C 1 12.19 17.57 -5.30
N GLY C 2 11.98 19.90 -5.92
CA GLY C 2 10.62 20.03 -5.46
C GLY C 2 9.58 19.19 -6.19
N ALA C 3 9.79 18.96 -7.49
CA ALA C 3 8.83 18.15 -8.25
C ALA C 3 8.78 16.72 -7.72
N ILE C 4 9.94 16.08 -7.57
CA ILE C 4 9.97 14.72 -7.05
C ILE C 4 9.45 14.67 -5.63
N GLN C 5 9.88 15.62 -4.78
CA GLN C 5 9.40 15.67 -3.41
C GLN C 5 7.88 15.76 -3.37
N GLN C 6 7.29 16.59 -4.24
CA GLN C 6 5.83 16.73 -4.25
C GLN C 6 5.14 15.43 -4.64
N GLU C 7 5.71 14.70 -5.60
CA GLU C 7 5.13 13.40 -5.94
C GLU C 7 5.26 12.41 -4.80
N LEU C 8 6.35 12.49 -4.04
CA LEU C 8 6.51 11.60 -2.89
C LEU C 8 5.51 11.97 -1.79
N LYS C 9 5.22 13.26 -1.61
CA LYS C 9 4.21 13.65 -0.64
C LYS C 9 2.83 13.15 -1.06
N ALA C 10 2.53 13.20 -2.37
CA ALA C 10 1.27 12.65 -2.85
C ALA C 10 1.18 11.15 -2.59
N ILE C 11 2.29 10.43 -2.79
CA ILE C 11 2.33 9.01 -2.49
C ILE C 11 2.09 8.77 -1.00
N GLN C 12 2.72 9.57 -0.14
CA GLN C 12 2.51 9.41 1.29
C GLN C 12 1.05 9.60 1.66
N GLN C 13 0.38 10.57 1.02
CA GLN C 13 -1.03 10.79 1.29
C GLN C 13 -1.87 9.56 0.93
N GLU C 14 -1.57 8.93 -0.20
CA GLU C 14 -2.30 7.73 -0.59
C GLU C 14 -2.02 6.57 0.36
N LEU C 15 -0.77 6.45 0.83
CA LEU C 15 -0.44 5.39 1.79
C LEU C 15 -1.20 5.58 3.09
N LYS C 16 -1.38 6.84 3.51
CA LYS C 16 -2.20 7.10 4.70
C LYS C 16 -3.63 6.63 4.48
N ALA C 17 -4.21 6.94 3.32
CA ALA C 17 -5.56 6.50 3.04
C ALA C 17 -5.67 4.98 3.07
N ILE C 18 -4.67 4.30 2.52
CA ILE C 18 -4.66 2.84 2.52
C ILE C 18 -4.64 2.30 3.95
N GLN C 19 -3.85 2.93 4.82
CA GLN C 19 -3.80 2.49 6.21
CA GLN C 19 -3.80 2.47 6.20
C GLN C 19 -5.16 2.62 6.90
N TRP C 20 -5.86 3.73 6.67
CA TRP C 20 -7.16 3.91 7.28
C TRP C 20 -8.16 2.88 6.77
N GLU C 21 -8.09 2.54 5.49
CA GLU C 21 -8.98 1.52 4.95
C GLU C 21 -8.68 0.16 5.57
N LEU C 22 -7.39 -0.15 5.76
CA LEU C 22 -7.04 -1.42 6.40
C LEU C 22 -7.52 -1.47 7.85
N LYS C 23 -7.44 -0.35 8.56
CA LYS C 23 -7.96 -0.33 9.93
C LYS C 23 -9.46 -0.53 9.95
N ALA C 24 -10.18 0.00 8.94
CA ALA C 24 -11.61 -0.25 8.87
C ALA C 24 -11.91 -1.72 8.63
N ILE C 25 -11.14 -2.37 7.76
CA ILE C 25 -11.32 -3.79 7.51
C ILE C 25 -11.05 -4.59 8.77
N GLN C 26 -9.99 -4.25 9.50
CA GLN C 26 -9.71 -4.96 10.75
C GLN C 26 -10.87 -4.84 11.73
N GLN C 27 -11.46 -3.64 11.87
CA GLN C 27 -12.56 -3.49 12.81
C GLN C 27 -13.81 -4.24 12.34
N GLU C 28 -14.04 -4.27 11.03
CA GLU C 28 -15.11 -5.08 10.47
C GLU C 28 -14.99 -6.54 10.92
N LEU C 29 -13.78 -7.08 10.87
CA LEU C 29 -13.56 -8.49 11.24
C LEU C 29 -13.56 -8.69 12.74
N LYS C 30 -12.94 -7.77 13.48
CA LYS C 30 -12.83 -7.95 14.92
C LYS C 30 -14.20 -7.84 15.59
N GLY C 31 -15.02 -6.87 15.18
CA GLY C 31 -16.30 -6.65 15.82
C GLY C 31 -17.48 -7.26 15.09
N NH2 C 32 -18.62 -7.27 15.77
C ACE D 1 19.51 10.22 -8.95
O ACE D 1 18.38 9.76 -8.91
CH3 ACE D 1 19.88 11.52 -8.29
N GLY D 2 20.50 9.60 -9.60
CA GLY D 2 20.30 8.34 -10.28
C GLY D 2 19.81 7.21 -9.40
N ALA D 3 20.29 7.20 -8.15
CA ALA D 3 19.90 6.16 -7.20
C ALA D 3 18.43 6.24 -6.83
N ILE D 4 17.80 7.40 -7.02
CA ILE D 4 16.37 7.53 -6.75
C ILE D 4 15.59 6.45 -7.49
N GLN D 5 15.99 6.12 -8.72
CA GLN D 5 15.26 5.12 -9.49
C GLN D 5 15.16 3.80 -8.74
N GLN D 6 16.26 3.37 -8.11
CA GLN D 6 16.26 2.07 -7.45
C GLN D 6 15.42 2.08 -6.18
N GLU D 7 15.48 3.19 -5.43
CA GLU D 7 14.66 3.33 -4.22
C GLU D 7 13.18 3.32 -4.59
N LEU D 8 12.83 4.00 -5.68
CA LEU D 8 11.45 4.02 -6.11
C LEU D 8 11.01 2.66 -6.60
N LYS D 9 11.88 1.95 -7.32
CA LYS D 9 11.54 0.62 -7.78
C LYS D 9 11.27 -0.31 -6.60
N ALA D 10 12.09 -0.21 -5.54
CA ALA D 10 11.86 -1.02 -4.35
C ALA D 10 10.50 -0.75 -3.72
N ILE D 11 10.07 0.51 -3.71
CA ILE D 11 8.72 0.85 -3.24
C ILE D 11 7.67 0.20 -4.11
N GLN D 12 7.82 0.30 -5.44
CA GLN D 12 6.84 -0.32 -6.32
C GLN D 12 6.76 -1.83 -6.11
N GLN D 13 7.92 -2.46 -5.91
CA GLN D 13 7.94 -3.91 -5.71
C GLN D 13 7.23 -4.30 -4.43
N GLU D 14 7.44 -3.52 -3.36
CA GLU D 14 6.74 -3.82 -2.11
CA GLU D 14 6.74 -3.80 -2.10
C GLU D 14 5.24 -3.63 -2.27
N LEU D 15 4.82 -2.59 -2.99
CA LEU D 15 3.40 -2.38 -3.21
C LEU D 15 2.79 -3.50 -4.05
N LYS D 16 3.51 -4.00 -5.05
CA LYS D 16 2.99 -5.13 -5.82
C LYS D 16 2.75 -6.34 -4.93
N ALA D 17 3.66 -6.62 -4.01
CA ALA D 17 3.47 -7.74 -3.09
C ALA D 17 2.25 -7.52 -2.20
N ILE D 18 2.05 -6.28 -1.75
CA ILE D 18 0.87 -5.94 -0.97
C ILE D 18 -0.39 -6.20 -1.77
N GLN D 19 -0.38 -5.85 -3.05
CA GLN D 19 -1.57 -6.09 -3.87
C GLN D 19 -1.90 -7.57 -3.94
N TRP D 20 -0.89 -8.42 -4.12
CA TRP D 20 -1.16 -9.86 -4.15
C TRP D 20 -1.70 -10.36 -2.82
N GLU D 21 -1.24 -9.81 -1.69
CA GLU D 21 -1.79 -10.22 -0.41
C GLU D 21 -3.27 -9.85 -0.30
N LEU D 22 -3.64 -8.69 -0.85
CA LEU D 22 -5.04 -8.30 -0.84
C LEU D 22 -5.86 -9.19 -1.75
N LYS D 23 -5.31 -9.57 -2.90
CA LYS D 23 -6.00 -10.51 -3.77
C LYS D 23 -6.21 -11.85 -3.07
N ALA D 24 -5.24 -12.30 -2.27
CA ALA D 24 -5.39 -13.57 -1.56
C ALA D 24 -6.53 -13.47 -0.55
N ILE D 25 -6.62 -12.35 0.16
CA ILE D 25 -7.70 -12.15 1.12
C ILE D 25 -9.05 -12.19 0.42
N GLN D 26 -9.16 -11.52 -0.72
CA GLN D 26 -10.43 -11.49 -1.42
C GLN D 26 -10.81 -12.88 -1.94
N GLN D 27 -9.82 -13.68 -2.37
CA GLN D 27 -10.11 -15.01 -2.87
C GLN D 27 -10.64 -15.91 -1.76
N GLU D 28 -10.11 -15.76 -0.54
CA GLU D 28 -10.64 -16.53 0.58
C GLU D 28 -12.11 -16.17 0.84
N LEU D 29 -12.46 -14.90 0.68
CA LEU D 29 -13.84 -14.50 0.91
C LEU D 29 -14.75 -14.86 -0.25
N LYS D 30 -14.26 -14.70 -1.48
CA LYS D 30 -15.07 -14.76 -2.69
C LYS D 30 -15.11 -16.15 -3.31
N GLY D 31 -14.01 -16.90 -3.23
CA GLY D 31 -13.89 -18.20 -3.89
C GLY D 31 -14.93 -19.22 -3.45
#